data_5RZN
#
_entry.id   5RZN
#
_cell.length_a   38.560
_cell.length_b   77.920
_cell.length_c   99.730
_cell.angle_alpha   90.000
_cell.angle_beta   90.000
_cell.angle_gamma   90.000
#
_symmetry.space_group_name_H-M   'P 21 21 21'
#
loop_
_entity.id
_entity.type
_entity.pdbx_description
1 polymer 'Isoform 2 of Band 4.1-like protein 3'
2 non-polymer 2-(trifluoromethyl)pyrimidine-5-carboxamide
3 non-polymer 'DIMETHYL SULFOXIDE'
4 non-polymer 1,2-ETHANEDIOL
5 water water
#
_entity_poly.entity_id   1
_entity_poly.type   'polypeptide(L)'
_entity_poly.pdbx_seq_one_letter_code
;SMPKSMQCKVILLDGSEYTCDVEKRSRGQVLFDKVCEHLNLLEKDYFGLTYRDAENQKNWLDPAKEIKKQVRSGAWHFSF
NVKFYPPDPAQLSEDITRYYLCLQLRDDIVSGRLPCSFVTLALLGSYTVQSELGDYDPDECGSDYISEFRFAPNHTKELE
DKVIELHKSHRGMTPAEAEMHFLENAKKLSMYGVDLHHAKDSEGVEIMLGVCASGLLIYRDRLRINRFAWPKVLKISYKR
NNFYIKIRPGEFEQFESTIGFKLPNHRAAKRLWKVCVEHHTFFRLL
;
_entity_poly.pdbx_strand_id   A
#
loop_
_chem_comp.id
_chem_comp.type
_chem_comp.name
_chem_comp.formula
DMS non-polymer 'DIMETHYL SULFOXIDE' 'C2 H6 O S'
EDO non-polymer 1,2-ETHANEDIOL 'C2 H6 O2'
S7J non-polymer 2-(trifluoromethyl)pyrimidine-5-carboxamide 'C6 H4 F3 N3 O'
#
# COMPACT_ATOMS: atom_id res chain seq x y z
N PRO A 3 -4.59 -30.66 19.52
CA PRO A 3 -4.84 -29.40 18.79
C PRO A 3 -3.83 -29.20 17.65
N LYS A 4 -4.27 -29.38 16.41
CA LYS A 4 -3.38 -29.44 15.22
C LYS A 4 -3.05 -28.03 14.73
N SER A 5 -1.76 -27.75 14.53
N SER A 5 -1.75 -27.75 14.60
CA SER A 5 -1.23 -26.40 14.20
CA SER A 5 -1.19 -26.44 14.18
C SER A 5 -0.62 -26.38 12.79
C SER A 5 -0.87 -26.48 12.68
N MET A 6 -0.85 -25.31 12.03
CA MET A 6 -0.35 -25.15 10.65
C MET A 6 0.79 -24.13 10.71
N GLN A 7 1.89 -24.41 10.04
CA GLN A 7 3.04 -23.52 9.93
C GLN A 7 2.68 -22.38 8.96
N CYS A 8 2.92 -21.13 9.37
CA CYS A 8 2.69 -19.93 8.55
C CYS A 8 4.02 -19.27 8.27
N LYS A 9 4.19 -18.81 7.04
CA LYS A 9 5.39 -18.09 6.61
C LYS A 9 4.94 -16.70 6.12
N VAL A 10 5.49 -15.67 6.74
CA VAL A 10 5.13 -14.25 6.45
C VAL A 10 6.38 -13.53 5.96
N ILE A 11 6.33 -12.96 4.76
CA ILE A 11 7.36 -12.03 4.23
C ILE A 11 7.12 -10.68 4.89
N LEU A 12 8.07 -10.25 5.71
CA LEU A 12 8.06 -8.92 6.40
C LEU A 12 8.53 -7.83 5.44
N LEU A 13 8.33 -6.58 5.83
CA LEU A 13 8.57 -5.45 4.92
C LEU A 13 10.08 -5.24 4.69
N ASP A 14 10.95 -5.78 5.56
CA ASP A 14 12.42 -5.73 5.36
C ASP A 14 12.88 -6.89 4.47
N GLY A 15 11.95 -7.71 3.97
CA GLY A 15 12.25 -8.79 3.01
C GLY A 15 12.58 -10.10 3.70
N SER A 16 12.66 -10.10 5.03
CA SER A 16 12.94 -11.32 5.83
C SER A 16 11.63 -12.10 6.01
N GLU A 17 11.78 -13.35 6.48
CA GLU A 17 10.68 -14.35 6.58
C GLU A 17 10.43 -14.65 8.08
N TYR A 18 9.20 -14.41 8.56
CA TYR A 18 8.78 -14.86 9.91
C TYR A 18 7.99 -16.15 9.72
N THR A 19 8.32 -17.17 10.52
CA THR A 19 7.64 -18.48 10.58
C THR A 19 7.01 -18.59 11.98
N CYS A 20 5.72 -18.90 12.03
CA CYS A 20 5.03 -19.25 13.31
C CYS A 20 3.99 -20.31 13.02
N ASP A 21 3.31 -20.78 14.06
CA ASP A 21 2.28 -21.83 13.98
C ASP A 21 1.01 -21.25 14.57
N VAL A 22 -0.14 -21.59 14.00
CA VAL A 22 -1.47 -21.29 14.60
C VAL A 22 -2.30 -22.56 14.49
N GLU A 23 -3.32 -22.70 15.33
CA GLU A 23 -4.27 -23.84 15.22
C GLU A 23 -4.89 -23.76 13.82
N LYS A 24 -5.12 -24.91 13.16
CA LYS A 24 -5.54 -24.98 11.73
C LYS A 24 -6.91 -24.30 11.51
N ARG A 25 -7.78 -24.17 12.53
CA ARG A 25 -9.08 -23.46 12.40
C ARG A 25 -8.94 -21.97 12.79
N SER A 26 -7.74 -21.46 12.98
CA SER A 26 -7.49 -20.05 13.41
C SER A 26 -8.09 -19.04 12.43
N ARG A 27 -8.58 -17.93 12.96
CA ARG A 27 -9.01 -16.75 12.20
C ARG A 27 -7.77 -15.92 11.87
N GLY A 28 -7.86 -15.08 10.83
CA GLY A 28 -6.72 -14.28 10.36
C GLY A 28 -6.15 -13.41 11.46
N GLN A 29 -7.02 -12.88 12.34
CA GLN A 29 -6.60 -11.98 13.44
C GLN A 29 -5.50 -12.65 14.28
N VAL A 30 -5.64 -13.96 14.52
CA VAL A 30 -4.68 -14.73 15.36
C VAL A 30 -3.29 -14.54 14.77
N LEU A 31 -3.10 -14.87 13.49
CA LEU A 31 -1.81 -14.74 12.80
C LEU A 31 -1.34 -13.28 12.81
N PHE A 32 -2.24 -12.35 12.48
CA PHE A 32 -1.90 -10.90 12.38
C PHE A 32 -1.35 -10.41 13.74
N ASP A 33 -2.02 -10.77 14.84
CA ASP A 33 -1.57 -10.36 16.19
C ASP A 33 -0.17 -10.92 16.44
N LYS A 34 0.07 -12.20 16.10
CA LYS A 34 1.41 -12.80 16.28
C LYS A 34 2.42 -11.98 15.48
N VAL A 35 2.09 -11.59 14.24
CA VAL A 35 3.13 -10.91 13.40
C VAL A 35 3.39 -9.52 13.99
N CYS A 36 2.32 -8.82 14.37
CA CYS A 36 2.42 -7.45 14.91
C CYS A 36 3.20 -7.48 16.24
N GLU A 37 2.95 -8.46 17.10
CA GLU A 37 3.75 -8.58 18.35
C GLU A 37 5.22 -8.79 17.97
N HIS A 38 5.51 -9.65 17.01
CA HIS A 38 6.89 -9.88 16.53
C HIS A 38 7.51 -8.54 16.09
N LEU A 39 6.72 -7.68 15.45
CA LEU A 39 7.24 -6.43 14.86
C LEU A 39 7.27 -5.29 15.90
N ASN A 40 6.81 -5.53 17.14
CA ASN A 40 6.64 -4.50 18.20
C ASN A 40 5.75 -3.36 17.67
N LEU A 41 4.72 -3.71 16.92
CA LEU A 41 3.80 -2.73 16.29
C LEU A 41 2.51 -2.66 17.10
N LEU A 42 2.16 -1.45 17.54
CA LEU A 42 0.93 -1.17 18.34
C LEU A 42 -0.13 -0.51 17.47
N GLU A 43 0.27 0.32 16.51
CA GLU A 43 -0.70 0.99 15.62
C GLU A 43 -1.00 0.06 14.46
N LYS A 44 -1.67 -1.04 14.74
CA LYS A 44 -1.84 -2.15 13.77
C LYS A 44 -2.92 -1.86 12.72
N ASP A 45 -3.86 -0.94 13.00
CA ASP A 45 -5.07 -0.63 12.18
C ASP A 45 -4.71 -0.29 10.73
N TYR A 46 -3.50 0.20 10.44
CA TYR A 46 -3.10 0.57 9.05
C TYR A 46 -2.59 -0.61 8.23
N PHE A 47 -2.38 -1.77 8.86
CA PHE A 47 -1.70 -2.93 8.22
C PHE A 47 -2.63 -4.13 8.03
N GLY A 48 -2.15 -5.10 7.28
CA GLY A 48 -2.82 -6.40 7.10
C GLY A 48 -1.86 -7.38 6.50
N LEU A 49 -2.37 -8.57 6.27
CA LEU A 49 -1.65 -9.67 5.62
C LEU A 49 -2.31 -9.93 4.29
N THR A 50 -1.50 -10.12 3.27
CA THR A 50 -1.96 -10.56 1.93
C THR A 50 -1.55 -12.00 1.72
N TYR A 51 -2.30 -12.69 0.86
CA TYR A 51 -1.93 -13.98 0.28
C TYR A 51 -2.22 -13.94 -1.23
N ARG A 52 -1.66 -14.89 -1.96
CA ARG A 52 -1.87 -15.09 -3.43
C ARG A 52 -2.92 -16.18 -3.58
N ASP A 53 -4.03 -15.91 -4.28
CA ASP A 53 -5.17 -16.87 -4.45
C ASP A 53 -4.80 -17.84 -5.56
N ALA A 54 -5.74 -18.76 -5.87
CA ALA A 54 -5.57 -19.83 -6.88
C ALA A 54 -5.43 -19.21 -8.29
N GLU A 55 -5.87 -17.97 -8.49
CA GLU A 55 -5.60 -17.23 -9.77
C GLU A 55 -4.31 -16.38 -9.69
N ASN A 56 -3.57 -16.42 -8.57
CA ASN A 56 -2.28 -15.72 -8.26
C ASN A 56 -2.50 -14.21 -8.04
N GLN A 57 -3.70 -13.80 -7.66
CA GLN A 57 -4.02 -12.41 -7.31
C GLN A 57 -3.72 -12.24 -5.82
N LYS A 58 -3.19 -11.08 -5.45
CA LYS A 58 -3.10 -10.60 -4.06
C LYS A 58 -4.49 -10.41 -3.47
N ASN A 59 -4.75 -11.03 -2.34
CA ASN A 59 -5.99 -10.83 -1.54
C ASN A 59 -5.59 -10.39 -0.13
N TRP A 60 -6.41 -9.56 0.51
CA TRP A 60 -6.24 -9.26 1.94
C TRP A 60 -6.77 -10.45 2.75
N LEU A 61 -6.00 -10.92 3.70
CA LEU A 61 -6.51 -11.90 4.69
C LEU A 61 -7.57 -11.18 5.52
N ASP A 62 -8.74 -11.78 5.66
CA ASP A 62 -9.81 -11.21 6.50
C ASP A 62 -9.59 -11.69 7.91
N PRO A 63 -9.37 -10.77 8.87
CA PRO A 63 -9.07 -11.18 10.23
C PRO A 63 -10.22 -11.90 10.91
N ALA A 64 -11.45 -11.72 10.43
CA ALA A 64 -12.66 -12.27 11.08
C ALA A 64 -12.94 -13.70 10.62
N LYS A 65 -12.35 -14.14 9.50
CA LYS A 65 -12.69 -15.46 8.91
C LYS A 65 -11.55 -16.45 9.12
N GLU A 66 -11.86 -17.74 9.03
CA GLU A 66 -10.82 -18.78 9.18
C GLU A 66 -9.76 -18.57 8.08
N ILE A 67 -8.51 -18.75 8.44
CA ILE A 67 -7.39 -18.71 7.46
C ILE A 67 -7.61 -19.76 6.36
N LYS A 68 -7.98 -20.98 6.77
CA LYS A 68 -8.05 -22.14 5.83
C LYS A 68 -9.12 -21.88 4.78
N LYS A 69 -10.21 -21.19 5.13
CA LYS A 69 -11.34 -20.91 4.20
C LYS A 69 -10.95 -19.81 3.20
N GLN A 70 -9.85 -19.10 3.44
CA GLN A 70 -9.36 -18.02 2.53
C GLN A 70 -8.26 -18.58 1.64
N VAL A 71 -7.23 -19.18 2.22
CA VAL A 71 -6.06 -19.70 1.46
C VAL A 71 -6.51 -20.97 0.71
N ARG A 72 -7.52 -21.67 1.23
CA ARG A 72 -8.23 -22.83 0.60
C ARG A 72 -7.19 -23.88 0.19
N SER A 73 -6.86 -23.95 -1.10
CA SER A 73 -5.98 -25.01 -1.65
C SER A 73 -4.51 -24.57 -1.56
N GLY A 74 -4.25 -23.27 -1.39
CA GLY A 74 -2.89 -22.69 -1.45
C GLY A 74 -2.11 -22.86 -0.15
N ALA A 75 -0.83 -22.54 -0.24
CA ALA A 75 0.13 -22.56 0.88
C ALA A 75 -0.26 -21.50 1.90
N TRP A 76 0.14 -21.71 3.14
CA TRP A 76 -0.04 -20.73 4.24
C TRP A 76 1.16 -19.78 4.21
N HIS A 77 1.25 -19.01 3.14
CA HIS A 77 2.34 -18.08 2.82
C HIS A 77 1.69 -16.70 2.68
N PHE A 78 2.24 -15.71 3.34
CA PHE A 78 1.60 -14.38 3.45
C PHE A 78 2.67 -13.30 3.28
N SER A 79 2.26 -12.07 3.01
CA SER A 79 3.11 -10.87 3.18
C SER A 79 2.49 -9.92 4.16
N PHE A 80 3.32 -9.21 4.91
CA PHE A 80 2.86 -8.14 5.82
C PHE A 80 2.92 -6.82 5.07
N ASN A 81 1.81 -6.07 4.98
CA ASN A 81 1.71 -4.87 4.13
C ASN A 81 0.88 -3.76 4.78
N VAL A 82 1.10 -2.54 4.31
CA VAL A 82 0.22 -1.41 4.64
C VAL A 82 -1.07 -1.62 3.85
N LYS A 83 -2.19 -1.57 4.53
CA LYS A 83 -3.53 -1.71 3.94
C LYS A 83 -4.20 -0.33 3.79
N PHE A 84 -4.10 0.52 4.80
CA PHE A 84 -4.67 1.89 4.79
C PHE A 84 -3.53 2.89 4.95
N TYR A 85 -3.14 3.55 3.87
CA TYR A 85 -2.01 4.51 3.91
C TYR A 85 -2.47 5.79 4.59
N PRO A 86 -1.91 6.20 5.74
CA PRO A 86 -2.35 7.43 6.41
C PRO A 86 -2.13 8.66 5.56
N PRO A 87 -3.14 9.50 5.28
CA PRO A 87 -2.92 10.73 4.53
C PRO A 87 -1.94 11.68 5.24
N ASP A 88 -1.85 11.62 6.56
CA ASP A 88 -0.88 12.47 7.28
C ASP A 88 -0.10 11.63 8.27
N PRO A 89 1.03 11.04 7.82
CA PRO A 89 1.83 10.19 8.70
C PRO A 89 2.40 10.90 9.94
N ALA A 90 2.54 12.24 9.95
CA ALA A 90 2.97 12.99 11.16
C ALA A 90 2.02 12.70 12.32
N GLN A 91 0.77 12.38 12.06
CA GLN A 91 -0.22 12.20 13.17
C GLN A 91 -0.17 10.77 13.70
N LEU A 92 0.61 9.85 13.14
CA LEU A 92 0.78 8.52 13.79
C LEU A 92 1.47 8.72 15.15
N SER A 93 1.13 7.90 16.13
CA SER A 93 1.63 8.16 17.50
C SER A 93 3.05 7.59 17.67
N GLU A 94 3.46 6.62 16.83
CA GLU A 94 4.78 5.97 17.05
C GLU A 94 5.68 6.09 15.82
N ASP A 95 6.95 6.26 16.11
CA ASP A 95 8.04 6.27 15.11
C ASP A 95 8.08 4.90 14.43
N ILE A 96 7.87 3.80 15.15
CA ILE A 96 8.01 2.45 14.54
C ILE A 96 6.92 2.26 13.48
N THR A 97 5.72 2.83 13.68
CA THR A 97 4.64 2.82 12.69
C THR A 97 5.15 3.49 11.42
N ARG A 98 5.77 4.65 11.58
CA ARG A 98 6.25 5.45 10.42
C ARG A 98 7.36 4.67 9.71
N TYR A 99 8.20 3.99 10.47
CA TYR A 99 9.28 3.11 9.94
C TYR A 99 8.71 2.01 9.02
N TYR A 100 7.74 1.21 9.44
CA TYR A 100 7.13 0.17 8.58
C TYR A 100 6.48 0.84 7.37
N LEU A 101 5.82 2.00 7.55
CA LEU A 101 5.18 2.72 6.43
C LEU A 101 6.26 3.06 5.39
N CYS A 102 7.43 3.55 5.85
CA CYS A 102 8.59 3.85 4.96
C CYS A 102 9.00 2.58 4.21
N LEU A 103 9.13 1.44 4.90
CA LEU A 103 9.58 0.20 4.21
C LEU A 103 8.56 -0.14 3.12
N GLN A 104 7.26 -0.04 3.42
CA GLN A 104 6.22 -0.34 2.40
C GLN A 104 6.43 0.57 1.19
N LEU A 105 6.58 1.86 1.44
CA LEU A 105 6.64 2.87 0.38
C LEU A 105 7.90 2.65 -0.45
N ARG A 106 9.00 2.25 0.16
CA ARG A 106 10.25 1.97 -0.58
C ARG A 106 9.98 0.85 -1.59
N ASP A 107 9.16 -0.13 -1.22
CA ASP A 107 8.80 -1.24 -2.13
C ASP A 107 7.81 -0.75 -3.19
N ASP A 108 6.89 0.12 -2.81
CA ASP A 108 5.94 0.74 -3.75
C ASP A 108 6.73 1.48 -4.82
N ILE A 109 7.80 2.16 -4.43
CA ILE A 109 8.61 2.95 -5.41
C ILE A 109 9.41 2.01 -6.31
N VAL A 110 10.20 1.11 -5.73
CA VAL A 110 11.13 0.20 -6.47
C VAL A 110 10.30 -0.63 -7.48
N SER A 111 9.11 -1.06 -7.07
CA SER A 111 8.20 -1.94 -7.85
C SER A 111 7.63 -1.16 -9.03
N GLY A 112 7.63 0.18 -8.99
CA GLY A 112 6.96 1.02 -9.99
C GLY A 112 5.48 1.26 -9.70
N ARG A 113 4.91 0.72 -8.62
CA ARG A 113 3.50 1.02 -8.23
C ARG A 113 3.34 2.50 -7.86
N LEU A 114 4.41 3.15 -7.37
CA LEU A 114 4.30 4.57 -6.93
C LEU A 114 5.25 5.39 -7.79
N PRO A 115 4.77 5.94 -8.92
CA PRO A 115 5.62 6.68 -9.83
C PRO A 115 6.12 7.92 -9.10
N CYS A 116 7.27 8.41 -9.53
N CYS A 116 7.39 8.25 -9.34
CA CYS A 116 8.06 9.41 -8.80
CA CYS A 116 8.11 9.43 -8.79
C CYS A 116 9.10 10.03 -9.73
C CYS A 116 8.97 10.07 -9.88
N SER A 117 9.17 11.36 -9.79
CA SER A 117 10.16 12.12 -10.59
C SER A 117 11.58 11.80 -10.10
N PHE A 118 12.54 12.04 -10.97
CA PHE A 118 13.97 11.90 -10.68
C PHE A 118 14.34 12.51 -9.32
N VAL A 119 14.00 13.79 -9.10
CA VAL A 119 14.48 14.53 -7.92
C VAL A 119 13.81 13.93 -6.69
N THR A 120 12.55 13.56 -6.80
CA THR A 120 11.85 12.93 -5.66
C THR A 120 12.44 11.56 -5.37
N LEU A 121 12.72 10.72 -6.37
CA LEU A 121 13.42 9.44 -6.14
C LEU A 121 14.73 9.68 -5.36
N ALA A 122 15.53 10.64 -5.78
CA ALA A 122 16.84 10.95 -5.16
C ALA A 122 16.63 11.50 -3.74
N LEU A 123 15.63 12.36 -3.53
CA LEU A 123 15.39 12.94 -2.19
C LEU A 123 14.93 11.86 -1.21
N LEU A 124 13.95 11.04 -1.62
CA LEU A 124 13.49 9.88 -0.80
C LEU A 124 14.67 8.94 -0.51
N GLY A 125 15.44 8.57 -1.53
CA GLY A 125 16.68 7.81 -1.38
C GLY A 125 17.58 8.40 -0.30
N SER A 126 17.88 9.70 -0.37
CA SER A 126 18.81 10.40 0.57
C SER A 126 18.31 10.30 2.03
N TYR A 127 17.01 10.36 2.28
CA TYR A 127 16.41 10.22 3.61
C TYR A 127 16.56 8.76 4.08
N THR A 128 16.30 7.79 3.20
CA THR A 128 16.52 6.36 3.53
C THR A 128 17.98 6.16 3.95
N VAL A 129 18.92 6.70 3.18
CA VAL A 129 20.36 6.48 3.44
C VAL A 129 20.69 7.11 4.79
N GLN A 130 20.19 8.32 5.06
CA GLN A 130 20.44 9.02 6.33
C GLN A 130 19.88 8.21 7.51
N SER A 131 18.63 7.75 7.41
N SER A 131 18.67 7.68 7.35
CA SER A 131 18.00 6.87 8.42
CA SER A 131 17.96 6.88 8.39
C SER A 131 18.86 5.62 8.64
C SER A 131 18.60 5.49 8.56
N GLU A 132 19.30 4.97 7.54
CA GLU A 132 19.97 3.63 7.63
C GLU A 132 21.46 3.73 8.00
N LEU A 133 22.23 4.66 7.45
CA LEU A 133 23.71 4.74 7.66
C LEU A 133 24.07 5.91 8.56
N GLY A 134 23.17 6.86 8.78
CA GLY A 134 23.52 8.09 9.50
C GLY A 134 24.23 9.06 8.56
N ASP A 135 25.11 9.90 9.09
CA ASP A 135 25.66 11.08 8.38
C ASP A 135 26.48 10.63 7.20
N TYR A 136 26.48 11.42 6.11
CA TYR A 136 27.33 11.18 4.94
C TYR A 136 28.79 10.97 5.40
N ASP A 137 29.41 9.91 4.89
CA ASP A 137 30.86 9.60 5.06
C ASP A 137 31.50 9.43 3.68
N PRO A 138 32.45 10.32 3.29
CA PRO A 138 33.13 10.19 1.99
C PRO A 138 33.91 8.88 1.83
N ASP A 139 34.42 8.33 2.93
CA ASP A 139 35.29 7.12 2.96
C ASP A 139 34.56 5.96 2.28
N GLU A 140 33.24 5.87 2.47
CA GLU A 140 32.37 4.79 1.94
C GLU A 140 32.00 5.10 0.48
N CYS A 141 32.03 6.38 0.09
CA CYS A 141 31.54 6.88 -1.21
C CYS A 141 32.65 7.59 -1.98
N GLY A 142 33.11 6.97 -3.07
CA GLY A 142 33.98 7.60 -4.09
C GLY A 142 33.14 8.15 -5.23
N SER A 143 33.78 8.64 -6.30
CA SER A 143 33.12 9.21 -7.50
C SER A 143 32.33 8.11 -8.23
N ASP A 144 32.65 6.85 -7.96
CA ASP A 144 32.08 5.67 -8.68
C ASP A 144 31.17 4.86 -7.73
N TYR A 145 30.58 5.49 -6.72
CA TYR A 145 29.75 4.79 -5.69
C TYR A 145 28.36 4.40 -6.24
N ILE A 146 27.96 3.15 -5.98
CA ILE A 146 26.59 2.58 -6.18
C ILE A 146 26.10 1.93 -4.87
N SER A 147 25.01 2.45 -4.30
CA SER A 147 24.43 2.02 -3.01
C SER A 147 23.89 0.60 -3.12
N GLU A 148 23.90 -0.15 -2.01
CA GLU A 148 23.19 -1.45 -1.93
C GLU A 148 21.68 -1.18 -2.01
N PHE A 149 21.27 0.04 -1.64
CA PHE A 149 19.84 0.41 -1.51
C PHE A 149 19.30 0.53 -2.93
N ARG A 150 18.19 -0.13 -3.10
CA ARG A 150 17.25 -0.01 -4.25
C ARG A 150 16.39 1.20 -3.94
N PHE A 151 16.42 2.18 -4.83
CA PHE A 151 15.75 3.50 -4.76
C PHE A 151 14.68 3.67 -5.83
N ALA A 152 14.66 2.86 -6.89
CA ALA A 152 13.88 3.21 -8.09
C ALA A 152 13.68 1.97 -8.95
N PRO A 153 12.65 1.97 -9.81
CA PRO A 153 12.40 0.84 -10.69
C PRO A 153 13.57 0.68 -11.67
N ASN A 154 14.25 1.77 -12.02
CA ASN A 154 15.46 1.74 -12.89
C ASN A 154 16.53 2.66 -12.32
N HIS A 155 17.69 2.10 -11.99
CA HIS A 155 18.81 2.87 -11.41
C HIS A 155 19.70 3.43 -12.53
N THR A 156 20.16 4.66 -12.36
CA THR A 156 21.20 5.29 -13.19
C THR A 156 22.31 5.82 -12.28
N LYS A 157 23.50 6.00 -12.87
CA LYS A 157 24.62 6.61 -12.13
C LYS A 157 24.22 8.04 -11.72
N GLU A 158 23.47 8.77 -12.58
CA GLU A 158 23.05 10.15 -12.26
C GLU A 158 22.17 10.10 -11.01
N LEU A 159 21.33 9.06 -10.87
CA LEU A 159 20.41 9.01 -9.70
C LEU A 159 21.26 8.75 -8.45
N GLU A 160 22.20 7.83 -8.53
CA GLU A 160 23.08 7.49 -7.38
C GLU A 160 23.82 8.73 -6.93
N ASP A 161 24.32 9.52 -7.89
CA ASP A 161 25.04 10.78 -7.60
C ASP A 161 24.13 11.76 -6.85
N LYS A 162 22.87 11.87 -7.25
CA LYS A 162 21.95 12.88 -6.68
C LYS A 162 21.58 12.46 -5.26
N VAL A 163 21.37 11.17 -5.02
CA VAL A 163 21.17 10.64 -3.63
C VAL A 163 22.34 11.10 -2.73
N ILE A 164 23.57 10.90 -3.15
CA ILE A 164 24.75 11.29 -2.34
C ILE A 164 24.76 12.81 -2.12
N GLU A 165 24.51 13.61 -3.16
CA GLU A 165 24.58 15.08 -3.00
C GLU A 165 23.56 15.51 -1.95
N LEU A 166 22.35 14.95 -2.00
CA LEU A 166 21.29 15.33 -1.05
C LEU A 166 21.59 14.74 0.33
N HIS A 167 22.16 13.53 0.38
CA HIS A 167 22.59 12.90 1.65
C HIS A 167 23.56 13.85 2.40
N LYS A 168 24.42 14.54 1.67
CA LYS A 168 25.40 15.40 2.36
C LYS A 168 24.66 16.48 3.13
N SER A 169 23.49 16.92 2.66
CA SER A 169 22.75 18.09 3.22
C SER A 169 22.10 17.65 4.54
N HIS A 170 22.03 16.34 4.82
CA HIS A 170 21.22 15.84 5.96
C HIS A 170 22.05 15.59 7.23
N ARG A 171 23.28 16.09 7.32
CA ARG A 171 24.17 15.82 8.51
C ARG A 171 23.44 16.17 9.81
N GLY A 172 23.44 15.26 10.79
CA GLY A 172 22.87 15.46 12.14
C GLY A 172 21.42 15.02 12.23
N MET A 173 20.83 14.58 11.11
CA MET A 173 19.43 14.14 11.05
C MET A 173 19.35 12.75 11.68
N THR A 174 18.45 12.57 12.63
CA THR A 174 18.27 11.25 13.25
C THR A 174 17.36 10.38 12.38
N PRO A 175 17.34 9.05 12.62
CA PRO A 175 16.51 8.14 11.84
C PRO A 175 15.03 8.51 11.81
N ALA A 176 14.42 8.83 12.95
CA ALA A 176 12.98 9.19 13.05
C ALA A 176 12.73 10.45 12.25
N GLU A 177 13.70 11.36 12.28
CA GLU A 177 13.59 12.67 11.61
C GLU A 177 13.63 12.44 10.08
N ALA A 178 14.56 11.61 9.60
CA ALA A 178 14.74 11.32 8.16
C ALA A 178 13.50 10.55 7.62
N GLU A 179 12.97 9.64 8.41
CA GLU A 179 11.74 8.88 8.10
C GLU A 179 10.56 9.85 8.00
N MET A 180 10.46 10.82 8.91
CA MET A 180 9.36 11.79 8.87
C MET A 180 9.51 12.64 7.60
N HIS A 181 10.72 13.05 7.20
CA HIS A 181 10.91 13.81 5.94
C HIS A 181 10.57 12.94 4.72
N PHE A 182 10.94 11.68 4.77
CA PHE A 182 10.62 10.71 3.70
C PHE A 182 9.09 10.74 3.49
N LEU A 183 8.36 10.57 4.59
CA LEU A 183 6.89 10.53 4.54
C LEU A 183 6.26 11.86 4.12
N GLU A 184 6.74 13.00 4.62
CA GLU A 184 6.22 14.35 4.28
C GLU A 184 6.23 14.51 2.75
N ASN A 185 7.27 13.99 2.09
CA ASN A 185 7.43 14.01 0.61
C ASN A 185 6.56 12.93 -0.06
N ALA A 186 6.63 11.69 0.39
CA ALA A 186 5.97 10.54 -0.29
C ALA A 186 4.45 10.74 -0.32
N LYS A 187 3.89 11.28 0.78
CA LYS A 187 2.45 11.42 1.03
C LYS A 187 1.84 12.35 -0.03
N LYS A 188 2.67 13.15 -0.70
CA LYS A 188 2.19 14.14 -1.71
C LYS A 188 2.08 13.52 -3.10
N LEU A 189 2.73 12.37 -3.34
CA LEU A 189 2.79 11.79 -4.71
C LEU A 189 1.35 11.42 -5.14
N SER A 190 0.99 11.72 -6.38
CA SER A 190 -0.39 11.55 -6.90
C SER A 190 -0.87 10.09 -6.72
N MET A 191 0.02 9.08 -6.70
CA MET A 191 -0.40 7.66 -6.56
C MET A 191 -0.15 7.15 -5.13
N TYR A 192 0.14 8.04 -4.18
CA TYR A 192 0.34 7.62 -2.77
C TYR A 192 -0.91 6.91 -2.24
N GLY A 193 -0.74 5.68 -1.81
CA GLY A 193 -1.79 4.85 -1.18
C GLY A 193 -2.97 4.54 -2.11
N VAL A 194 -2.74 4.58 -3.43
CA VAL A 194 -3.77 4.28 -4.45
C VAL A 194 -3.67 2.80 -4.81
N ASP A 195 -4.73 2.05 -4.52
CA ASP A 195 -4.82 0.62 -4.92
C ASP A 195 -5.52 0.58 -6.28
N LEU A 196 -4.82 0.15 -7.35
CA LEU A 196 -5.31 0.16 -8.77
C LEU A 196 -5.95 -1.16 -9.17
N HIS A 197 -7.11 -1.08 -9.80
CA HIS A 197 -7.87 -2.24 -10.31
C HIS A 197 -8.19 -2.00 -11.79
N HIS A 198 -7.72 -2.87 -12.69
CA HIS A 198 -8.10 -2.91 -14.13
C HIS A 198 -9.63 -3.11 -14.27
N ALA A 199 -10.27 -2.36 -15.15
CA ALA A 199 -11.73 -2.48 -15.37
C ALA A 199 -12.12 -1.91 -16.72
N LYS A 200 -13.37 -2.14 -17.14
CA LYS A 200 -13.95 -1.48 -18.34
C LYS A 200 -15.15 -0.67 -17.90
N ASP A 201 -15.36 0.46 -18.57
CA ASP A 201 -16.55 1.31 -18.31
C ASP A 201 -17.71 0.66 -19.06
N SER A 202 -18.91 1.24 -18.95
CA SER A 202 -20.18 0.75 -19.53
C SER A 202 -20.12 0.67 -21.07
N GLU A 203 -19.08 1.22 -21.71
CA GLU A 203 -18.92 1.16 -23.18
C GLU A 203 -17.80 0.18 -23.56
N GLY A 204 -17.20 -0.52 -22.60
CA GLY A 204 -16.07 -1.45 -22.83
C GLY A 204 -14.72 -0.76 -22.96
N VAL A 205 -14.60 0.54 -22.66
CA VAL A 205 -13.27 1.22 -22.73
C VAL A 205 -12.51 0.86 -21.46
N GLU A 206 -11.24 0.48 -21.61
CA GLU A 206 -10.34 0.00 -20.54
C GLU A 206 -9.98 1.19 -19.68
N ILE A 207 -10.22 1.07 -18.37
CA ILE A 207 -9.90 2.13 -17.37
C ILE A 207 -9.16 1.47 -16.22
N MET A 208 -8.71 2.30 -15.28
CA MET A 208 -8.25 1.86 -13.95
C MET A 208 -9.12 2.53 -12.91
N LEU A 209 -9.51 1.77 -11.89
CA LEU A 209 -10.18 2.32 -10.70
C LEU A 209 -9.13 2.35 -9.57
N GLY A 210 -8.92 3.50 -8.95
CA GLY A 210 -7.98 3.62 -7.81
C GLY A 210 -8.77 3.71 -6.53
N VAL A 211 -8.39 2.96 -5.49
CA VAL A 211 -9.06 3.08 -4.17
C VAL A 211 -8.09 3.74 -3.20
N CYS A 212 -8.50 4.78 -2.51
CA CYS A 212 -7.60 5.45 -1.54
C CYS A 212 -8.41 6.21 -0.48
N ALA A 213 -7.69 6.88 0.42
CA ALA A 213 -8.27 7.64 1.55
C ALA A 213 -9.36 8.60 1.06
N SER A 214 -9.12 9.31 -0.05
CA SER A 214 -9.98 10.46 -0.47
C SER A 214 -11.22 9.92 -1.18
N GLY A 215 -11.09 8.80 -1.90
CA GLY A 215 -12.27 8.14 -2.51
C GLY A 215 -11.93 7.13 -3.59
N LEU A 216 -12.79 7.01 -4.56
CA LEU A 216 -12.60 6.17 -5.75
C LEU A 216 -12.18 7.09 -6.89
N LEU A 217 -11.09 6.72 -7.54
CA LEU A 217 -10.57 7.48 -8.69
C LEU A 217 -10.80 6.62 -9.93
N ILE A 218 -11.07 7.27 -11.07
CA ILE A 218 -11.32 6.59 -12.37
C ILE A 218 -10.36 7.17 -13.42
N TYR A 219 -9.26 6.44 -13.70
CA TYR A 219 -8.23 6.83 -14.70
C TYR A 219 -8.67 6.31 -16.08
N ARG A 220 -9.07 7.24 -16.95
CA ARG A 220 -9.48 6.98 -18.36
C ARG A 220 -8.27 7.28 -19.25
N ASP A 221 -7.97 8.57 -19.45
CA ASP A 221 -6.72 9.05 -20.09
C ASP A 221 -6.01 9.97 -19.10
N ARG A 222 -4.90 10.60 -19.53
CA ARG A 222 -4.12 11.59 -18.73
C ARG A 222 -4.98 12.85 -18.58
N LEU A 223 -5.91 13.07 -19.52
CA LEU A 223 -6.71 14.32 -19.64
C LEU A 223 -8.15 14.07 -19.19
N ARG A 224 -8.43 12.88 -18.63
CA ARG A 224 -9.79 12.45 -18.22
C ARG A 224 -9.69 11.58 -16.95
N ILE A 225 -9.60 12.23 -15.77
CA ILE A 225 -9.57 11.54 -14.45
C ILE A 225 -10.76 12.01 -13.59
N ASN A 226 -11.67 11.09 -13.29
CA ASN A 226 -12.90 11.33 -12.48
C ASN A 226 -12.63 10.90 -11.04
N ARG A 227 -13.22 11.61 -10.06
CA ARG A 227 -12.96 11.38 -8.62
C ARG A 227 -14.29 11.42 -7.85
N PHE A 228 -14.51 10.43 -6.99
CA PHE A 228 -15.73 10.33 -6.15
C PHE A 228 -15.24 10.30 -4.70
N ALA A 229 -15.29 11.43 -4.00
CA ALA A 229 -15.02 11.51 -2.54
C ALA A 229 -15.91 10.48 -1.84
N TRP A 230 -15.44 9.83 -0.78
CA TRP A 230 -16.24 8.80 -0.05
C TRP A 230 -17.60 9.37 0.36
N PRO A 231 -17.69 10.63 0.88
CA PRO A 231 -18.99 11.20 1.22
C PRO A 231 -20.01 11.17 0.07
N LYS A 232 -19.56 11.32 -1.17
CA LYS A 232 -20.43 11.39 -2.37
C LYS A 232 -20.85 9.99 -2.85
N VAL A 233 -20.43 8.92 -2.16
CA VAL A 233 -20.76 7.50 -2.50
C VAL A 233 -21.76 6.99 -1.47
N LEU A 234 -22.98 6.60 -1.87
CA LEU A 234 -23.99 6.07 -0.92
C LEU A 234 -23.93 4.54 -0.87
N LYS A 235 -23.72 3.89 -2.02
CA LYS A 235 -23.82 2.41 -2.11
C LYS A 235 -22.76 1.88 -3.09
N ILE A 236 -22.15 0.79 -2.66
CA ILE A 236 -21.09 -0.02 -3.32
C ILE A 236 -21.63 -1.44 -3.46
N SER A 237 -21.76 -1.95 -4.69
CA SER A 237 -22.32 -3.30 -4.93
C SER A 237 -21.55 -4.01 -6.05
N TYR A 238 -21.63 -5.33 -6.09
CA TYR A 238 -21.13 -6.14 -7.23
C TYR A 238 -22.18 -7.20 -7.57
N LYS A 239 -22.18 -7.61 -8.82
CA LYS A 239 -23.05 -8.72 -9.31
C LYS A 239 -22.37 -9.29 -10.55
N ARG A 240 -22.12 -10.60 -10.53
CA ARG A 240 -21.38 -11.33 -11.59
C ARG A 240 -20.02 -10.64 -11.76
N ASN A 241 -19.70 -10.11 -12.95
CA ASN A 241 -18.40 -9.47 -13.26
C ASN A 241 -18.54 -7.94 -13.14
N ASN A 242 -19.65 -7.47 -12.58
CA ASN A 242 -19.97 -6.03 -12.57
C ASN A 242 -19.82 -5.43 -11.17
N PHE A 243 -19.27 -4.22 -11.16
CA PHE A 243 -19.09 -3.37 -9.97
C PHE A 243 -19.89 -2.09 -10.24
N TYR A 244 -20.75 -1.71 -9.30
CA TYR A 244 -21.66 -0.53 -9.42
C TYR A 244 -21.39 0.41 -8.23
N ILE A 245 -21.31 1.73 -8.47
CA ILE A 245 -21.46 2.70 -7.34
C ILE A 245 -22.62 3.67 -7.65
N LYS A 246 -23.35 3.93 -6.57
CA LYS A 246 -24.52 4.84 -6.47
C LYS A 246 -23.96 6.21 -6.01
N ILE A 247 -23.85 7.18 -6.93
CA ILE A 247 -23.32 8.57 -6.71
C ILE A 247 -24.48 9.49 -6.28
N ARG A 248 -24.38 10.02 -5.06
CA ARG A 248 -25.46 10.70 -4.29
C ARG A 248 -26.06 11.82 -5.14
N PRO A 249 -27.38 12.12 -5.00
CA PRO A 249 -27.98 13.22 -5.75
C PRO A 249 -27.22 14.53 -5.45
N GLY A 250 -26.79 15.25 -6.48
CA GLY A 250 -26.44 16.68 -6.37
C GLY A 250 -27.61 17.47 -5.75
N GLU A 251 -27.33 18.65 -5.22
CA GLU A 251 -28.39 19.53 -4.65
C GLU A 251 -29.47 19.76 -5.71
N PHE A 252 -30.73 19.57 -5.34
CA PHE A 252 -31.92 19.86 -6.18
C PHE A 252 -32.12 18.80 -7.28
N GLU A 253 -31.19 17.83 -7.42
CA GLU A 253 -31.37 16.69 -8.36
C GLU A 253 -32.32 15.70 -7.68
N GLN A 254 -33.24 15.08 -8.44
CA GLN A 254 -34.28 14.18 -7.87
C GLN A 254 -33.66 12.81 -7.51
N PHE A 255 -32.71 12.27 -8.29
CA PHE A 255 -32.27 10.85 -8.14
C PHE A 255 -30.74 10.71 -8.09
N GLU A 256 -30.28 9.76 -7.29
CA GLU A 256 -28.90 9.18 -7.35
C GLU A 256 -28.57 8.81 -8.80
N SER A 257 -27.29 8.90 -9.20
CA SER A 257 -26.78 8.39 -10.49
C SER A 257 -26.05 7.05 -10.25
N THR A 258 -26.02 6.15 -11.24
CA THR A 258 -25.39 4.82 -11.09
C THR A 258 -24.28 4.70 -12.13
N ILE A 259 -23.10 4.29 -11.71
CA ILE A 259 -21.96 4.10 -12.65
C ILE A 259 -21.55 2.63 -12.59
N GLY A 260 -21.41 2.02 -13.77
CA GLY A 260 -21.24 0.56 -13.91
C GLY A 260 -19.91 0.26 -14.49
N PHE A 261 -19.20 -0.70 -13.91
CA PHE A 261 -17.91 -1.18 -14.47
C PHE A 261 -17.91 -2.69 -14.64
N LYS A 262 -17.19 -3.13 -15.67
CA LYS A 262 -16.92 -4.56 -15.96
C LYS A 262 -15.53 -4.91 -15.43
N LEU A 263 -15.47 -5.86 -14.51
CA LEU A 263 -14.17 -6.41 -14.01
C LEU A 263 -13.85 -7.70 -14.76
N PRO A 264 -12.57 -8.15 -14.75
CA PRO A 264 -12.14 -9.33 -15.49
C PRO A 264 -12.96 -10.60 -15.21
N ASN A 265 -13.40 -10.77 -13.97
CA ASN A 265 -14.13 -11.97 -13.52
C ASN A 265 -14.84 -11.61 -12.23
N HIS A 266 -15.64 -12.51 -11.72
CA HIS A 266 -16.47 -12.30 -10.52
C HIS A 266 -15.58 -12.05 -9.29
N ARG A 267 -14.41 -12.69 -9.22
CA ARG A 267 -13.54 -12.63 -8.02
C ARG A 267 -12.90 -11.24 -7.95
N ALA A 268 -12.47 -10.71 -9.09
CA ALA A 268 -11.96 -9.33 -9.25
C ALA A 268 -13.02 -8.31 -8.82
N ALA A 269 -14.29 -8.51 -9.18
CA ALA A 269 -15.40 -7.60 -8.80
C ALA A 269 -15.57 -7.60 -7.28
N LYS A 270 -15.62 -8.77 -6.65
CA LYS A 270 -15.84 -8.88 -5.19
C LYS A 270 -14.66 -8.23 -4.42
N ARG A 271 -13.44 -8.47 -4.87
CA ARG A 271 -12.18 -7.97 -4.29
C ARG A 271 -12.21 -6.43 -4.30
N LEU A 272 -12.60 -5.85 -5.43
CA LEU A 272 -12.72 -4.37 -5.53
C LEU A 272 -13.82 -3.90 -4.58
N TRP A 273 -14.97 -4.59 -4.54
CA TRP A 273 -16.09 -4.21 -3.65
C TRP A 273 -15.57 -4.15 -2.21
N LYS A 274 -14.85 -5.20 -1.78
CA LYS A 274 -14.42 -5.34 -0.37
C LYS A 274 -13.40 -4.26 0.00
N VAL A 275 -12.42 -3.99 -0.86
CA VAL A 275 -11.40 -2.96 -0.56
C VAL A 275 -12.09 -1.58 -0.50
N CYS A 276 -13.10 -1.33 -1.34
CA CYS A 276 -13.86 -0.07 -1.33
C CYS A 276 -14.63 0.08 -0.01
N VAL A 277 -15.40 -0.92 0.37
CA VAL A 277 -16.18 -0.87 1.65
C VAL A 277 -15.21 -0.63 2.81
N GLU A 278 -14.06 -1.31 2.79
CA GLU A 278 -13.08 -1.24 3.90
C GLU A 278 -12.47 0.17 3.95
N HIS A 279 -12.09 0.73 2.79
CA HIS A 279 -11.58 2.12 2.73
C HIS A 279 -12.67 3.09 3.20
N HIS A 280 -13.91 2.95 2.73
CA HIS A 280 -15.08 3.81 3.12
C HIS A 280 -15.19 3.83 4.65
N THR A 281 -15.21 2.66 5.27
CA THR A 281 -15.36 2.54 6.74
C THR A 281 -14.17 3.17 7.44
N PHE A 282 -12.97 2.86 6.97
CA PHE A 282 -11.73 3.28 7.68
C PHE A 282 -11.65 4.81 7.64
N PHE A 283 -11.85 5.39 6.47
CA PHE A 283 -11.54 6.82 6.23
C PHE A 283 -12.78 7.68 6.54
N ARG A 284 -13.95 7.06 6.75
CA ARG A 284 -15.12 7.68 7.44
C ARG A 284 -14.80 7.94 8.93
N LEU A 285 -14.07 7.03 9.59
CA LEU A 285 -13.86 7.07 11.08
C LEU A 285 -12.56 7.80 11.41
N LEU A 286 -11.51 7.65 10.58
CA LEU A 286 -10.12 8.02 10.93
C LEU A 286 -10.14 9.42 11.54
N1 S7J B . -6.16 -8.12 10.84
C4 S7J B . -6.03 -6.16 8.85
C5 S7J B . -5.65 -9.81 9.08
N S7J B . -6.09 -3.39 9.68
C S7J B . -6.30 -4.40 10.64
O S7J B . -6.50 -4.16 11.83
C1 S7J B . -6.24 -5.79 10.19
C2 S7J B . -6.32 -6.82 11.15
C3 S7J B . -5.93 -8.36 9.51
F S7J B . -6.59 -10.37 8.29
F1 S7J B . -5.56 -10.69 10.10
F2 S7J B . -4.54 -9.82 8.39
N2 S7J B . -5.87 -7.45 8.51
N1 S7J C . 7.79 15.05 -3.14
C4 S7J C . 7.35 15.95 -5.72
C5 S7J C . 10.13 15.91 -3.35
N S7J C . 4.97 14.79 -7.01
C S7J C . 4.98 15.15 -5.68
O S7J C . 3.94 15.33 -5.09
C1 S7J C . 6.32 15.32 -5.05
C2 S7J C . 6.58 14.87 -3.74
C3 S7J C . 8.73 15.69 -3.91
F S7J C . 11.05 16.22 -4.29
F1 S7J C . 10.62 14.84 -2.66
F2 S7J C . 10.14 16.93 -2.52
N2 S7J C . 8.57 16.16 -5.18
S DMS D . 9.36 -7.48 0.40
O DMS D . 8.54 -6.39 1.03
C1 DMS D . 8.87 -7.55 -1.31
C2 DMS D . 10.98 -6.78 0.17
S DMS E . -4.45 11.40 -3.83
O DMS E . -3.29 12.12 -4.41
C1 DMS E . -3.78 9.85 -3.25
C2 DMS E . -5.37 10.78 -5.21
C1 EDO F . 7.13 7.40 20.29
O1 EDO F . 7.57 6.82 19.06
C2 EDO F . 7.26 8.88 20.31
O2 EDO F . 6.93 9.51 19.08
C1 EDO G . 1.58 -4.49 -2.67
O1 EDO G . 2.69 -5.17 -2.08
C2 EDO G . 0.71 -3.88 -1.64
O2 EDO G . 0.03 -4.85 -0.85
C1 EDO H . -0.12 -0.84 -8.58
O1 EDO H . -0.77 -1.68 -9.52
C2 EDO H . -0.98 0.11 -7.79
O2 EDO H . -2.08 -0.51 -7.15
C1 EDO I . 16.59 -2.19 -0.80
O1 EDO I . 17.98 -2.22 -0.62
C2 EDO I . 15.99 -0.92 -0.35
O2 EDO I . 14.80 -0.48 -0.99
C1 EDO J . -12.56 -20.32 -11.01
O1 EDO J . -11.79 -21.47 -11.36
C2 EDO J . -12.05 -19.54 -9.83
O2 EDO J . -13.04 -18.78 -9.10
C1 EDO K . 0.48 0.83 -3.54
O1 EDO K . 0.95 -0.50 -3.55
C2 EDO K . -0.85 0.96 -2.91
O2 EDO K . -1.58 -0.25 -3.02
#